data_7Y8O
#
_entry.id   7Y8O
#
_cell.length_a   66.797
_cell.length_b   81.358
_cell.length_c   93.127
_cell.angle_alpha   90.000
_cell.angle_beta   90.000
_cell.angle_gamma   90.000
#
_symmetry.space_group_name_H-M   'P 21 21 21'
#
loop_
_entity.id
_entity.type
_entity.pdbx_description
1 polymer SciR
2 non-polymer 'NADP NICOTINAMIDE-ADENINE-DINUCLEOTIDE PHOSPHATE'
3 non-polymer 2-[2,5-bis(fluoranyl)phenyl]pyrrolidine
4 water water
#
_entity_poly.entity_id   1
_entity_poly.type   'polypeptide(L)'
_entity_poly.pdbx_seq_one_letter_code
;MSRPAPLTLIGLGPMGQAMGNALLDRGHGLTVWNRTASRADALVARGAVRAPTVAAAVAANELVVLSLTDYDAMYALLGP
AADALAGKVVVNLSSDTPEKTRAGARWIAEHGGTLIAGGVTCPPSGIGSPESSAFYSGPSAAFERHRETLRTLTRTDYRG
EDPGLAALWYQIGMVMWWNAMLGYLQAVALADANGLKAADILPHASDTVAGLPFFLRFYADRIDTGHHGGDADRLAMGTA
SVEHILHTMADSGVDTALPEAVVALFRRGEAAGYAENSFSSMVELLKKPS
;
_entity_poly.pdbx_strand_id   A,B
#
# COMPACT_ATOMS: atom_id res chain seq x y z
N PRO A 4 11.96 -23.53 -29.95
CA PRO A 4 12.36 -23.12 -28.59
C PRO A 4 13.65 -23.78 -28.14
N ALA A 5 14.53 -22.99 -27.52
CA ALA A 5 15.82 -23.52 -27.09
C ALA A 5 15.67 -24.37 -25.84
N PRO A 6 16.58 -25.32 -25.62
CA PRO A 6 16.60 -26.06 -24.35
C PRO A 6 17.36 -25.28 -23.28
N LEU A 7 17.10 -25.66 -22.02
CA LEU A 7 17.67 -24.93 -20.90
C LEU A 7 17.52 -25.76 -19.64
N THR A 8 18.24 -25.33 -18.60
CA THR A 8 18.20 -25.95 -17.28
C THR A 8 17.55 -24.99 -16.29
N LEU A 9 16.67 -25.52 -15.44
CA LEU A 9 15.99 -24.74 -14.41
C LEU A 9 16.27 -25.37 -13.05
N ILE A 10 16.91 -24.60 -12.18
CA ILE A 10 17.22 -25.04 -10.81
C ILE A 10 16.44 -24.18 -9.84
N GLY A 11 15.81 -24.81 -8.86
CA GLY A 11 14.98 -24.10 -7.91
C GLY A 11 13.52 -24.21 -8.27
N LEU A 12 12.79 -25.08 -7.58
CA LEU A 12 11.42 -25.41 -7.94
C LEU A 12 10.45 -25.04 -6.81
N GLY A 13 10.60 -23.84 -6.26
CA GLY A 13 9.61 -23.29 -5.38
C GLY A 13 8.42 -22.78 -6.18
N PRO A 14 7.55 -21.99 -5.54
CA PRO A 14 6.37 -21.48 -6.25
C PRO A 14 6.69 -20.84 -7.59
N MET A 15 7.73 -20.02 -7.68
CA MET A 15 8.10 -19.40 -8.95
C MET A 15 8.69 -20.44 -9.90
N GLY A 16 9.64 -21.25 -9.42
CA GLY A 16 10.27 -22.24 -10.29
C GLY A 16 9.29 -23.24 -10.88
N GLN A 17 8.31 -23.68 -10.08
CA GLN A 17 7.26 -24.55 -10.61
C GLN A 17 6.53 -23.89 -11.76
N ALA A 18 6.16 -22.62 -11.58
CA ALA A 18 5.42 -21.90 -12.61
C ALA A 18 6.25 -21.73 -13.88
N MET A 19 7.54 -21.44 -13.73
CA MET A 19 8.39 -21.27 -14.90
C MET A 19 8.54 -22.59 -15.66
N GLY A 20 8.77 -23.68 -14.93
CA GLY A 20 8.91 -24.97 -15.59
C GLY A 20 7.69 -25.35 -16.40
N ASN A 21 6.49 -25.07 -15.86
CA ASN A 21 5.27 -25.40 -16.58
C ASN A 21 5.09 -24.51 -17.80
N ALA A 22 5.48 -23.23 -17.71
CA ALA A 22 5.37 -22.33 -18.85
C ALA A 22 6.40 -22.66 -19.91
N LEU A 23 7.60 -23.09 -19.49
CA LEU A 23 8.62 -23.46 -20.48
C LEU A 23 8.23 -24.74 -21.20
N LEU A 24 7.68 -25.72 -20.47
CA LEU A 24 7.16 -26.92 -21.10
C LEU A 24 5.99 -26.60 -22.02
N ASP A 25 5.10 -25.69 -21.57
CA ASP A 25 3.98 -25.26 -22.42
C ASP A 25 4.47 -24.75 -23.76
N ARG A 26 5.64 -24.09 -23.78
CA ARG A 26 6.20 -23.55 -25.01
C ARG A 26 6.92 -24.60 -25.84
N GLY A 27 7.27 -25.74 -25.25
CA GLY A 27 8.00 -26.77 -25.94
C GLY A 27 9.49 -26.76 -25.73
N HIS A 28 10.00 -25.96 -24.81
CA HIS A 28 11.42 -25.97 -24.49
C HIS A 28 11.81 -27.33 -23.91
N GLY A 29 12.90 -27.88 -24.42
CA GLY A 29 13.49 -29.06 -23.80
C GLY A 29 14.03 -28.70 -22.43
N LEU A 30 13.33 -29.09 -21.38
CA LEU A 30 13.60 -28.60 -20.04
C LEU A 30 14.30 -29.66 -19.20
N THR A 31 15.42 -29.27 -18.62
CA THR A 31 16.16 -30.08 -17.65
C THR A 31 16.06 -29.40 -16.29
N VAL A 32 15.55 -30.13 -15.30
CA VAL A 32 15.27 -29.53 -14.00
C VAL A 32 16.08 -30.24 -12.92
N TRP A 33 16.29 -29.52 -11.82
CA TRP A 33 16.86 -30.09 -10.61
C TRP A 33 16.41 -29.26 -9.42
N ASN A 34 16.23 -29.92 -8.28
CA ASN A 34 15.79 -29.27 -7.07
C ASN A 34 16.38 -30.00 -5.86
N ARG A 35 16.64 -29.26 -4.79
CA ARG A 35 17.14 -29.87 -3.57
C ARG A 35 16.13 -30.88 -3.03
N THR A 36 14.86 -30.47 -2.91
CA THR A 36 13.78 -31.38 -2.59
C THR A 36 13.29 -31.97 -3.91
N ALA A 37 13.80 -33.16 -4.25
CA ALA A 37 13.56 -33.73 -5.56
C ALA A 37 12.08 -33.94 -5.83
N SER A 38 11.29 -34.19 -4.78
CA SER A 38 9.87 -34.47 -4.95
C SER A 38 9.15 -33.37 -5.71
N ARG A 39 9.64 -32.13 -5.63
CA ARG A 39 8.96 -31.00 -6.26
C ARG A 39 9.12 -31.00 -7.79
N ALA A 40 9.93 -31.88 -8.35
CA ALA A 40 10.08 -31.99 -9.79
C ALA A 40 9.17 -33.03 -10.41
N ASP A 41 8.48 -33.84 -9.59
CA ASP A 41 7.73 -34.98 -10.10
C ASP A 41 6.69 -34.57 -11.15
N ALA A 42 5.92 -33.51 -10.85
CA ALA A 42 4.88 -33.08 -11.76
C ALA A 42 5.46 -32.55 -13.07
N LEU A 43 6.56 -31.82 -13.01
CA LEU A 43 7.19 -31.33 -14.23
C LEU A 43 7.78 -32.48 -15.05
N VAL A 44 8.38 -33.46 -14.36
CA VAL A 44 8.93 -34.62 -15.07
C VAL A 44 7.82 -35.40 -15.76
N ALA A 45 6.68 -35.55 -15.09
CA ALA A 45 5.55 -36.23 -15.71
C ALA A 45 5.03 -35.48 -16.93
N ARG A 46 5.23 -34.16 -16.96
CA ARG A 46 4.82 -33.36 -18.11
C ARG A 46 5.83 -33.38 -19.25
N GLY A 47 7.00 -33.99 -19.04
CA GLY A 47 8.01 -34.10 -20.07
C GLY A 47 9.37 -33.52 -19.72
N ALA A 48 9.56 -32.98 -18.51
CA ALA A 48 10.86 -32.45 -18.14
C ALA A 48 11.83 -33.59 -17.83
N VAL A 49 13.11 -33.31 -18.02
CA VAL A 49 14.18 -34.26 -17.75
C VAL A 49 14.73 -33.96 -16.36
N ARG A 50 14.70 -34.95 -15.48
CA ARG A 50 15.21 -34.80 -14.12
C ARG A 50 16.72 -35.04 -14.12
N ALA A 51 17.47 -34.02 -13.74
CA ALA A 51 18.92 -34.19 -13.63
C ALA A 51 19.23 -35.02 -12.39
N PRO A 52 20.11 -36.01 -12.49
CA PRO A 52 20.47 -36.79 -11.28
C PRO A 52 21.16 -35.95 -10.23
N THR A 53 21.95 -34.96 -10.62
CA THR A 53 22.66 -34.09 -9.69
C THR A 53 22.59 -32.66 -10.19
N VAL A 54 23.02 -31.73 -9.33
CA VAL A 54 23.05 -30.32 -9.73
C VAL A 54 24.17 -30.07 -10.72
N ALA A 55 25.24 -30.89 -10.69
CA ALA A 55 26.31 -30.74 -11.65
C ALA A 55 25.87 -31.19 -13.03
N ALA A 56 25.15 -32.32 -13.11
CA ALA A 56 24.62 -32.77 -14.39
C ALA A 56 23.58 -31.79 -14.93
N ALA A 57 22.83 -31.14 -14.05
CA ALA A 57 21.88 -30.11 -14.49
C ALA A 57 22.61 -28.96 -15.17
N VAL A 58 23.69 -28.48 -14.55
CA VAL A 58 24.47 -27.40 -15.13
C VAL A 58 25.10 -27.85 -16.44
N ALA A 59 25.62 -29.09 -16.47
CA ALA A 59 26.26 -29.61 -17.67
C ALA A 59 25.29 -29.82 -18.83
N ALA A 60 24.00 -29.94 -18.54
CA ALA A 60 23.05 -30.31 -19.59
C ALA A 60 22.87 -29.21 -20.62
N ASN A 61 23.05 -27.95 -20.24
CA ASN A 61 22.74 -26.85 -21.13
C ASN A 61 23.69 -25.70 -20.91
N GLU A 62 23.69 -24.77 -21.89
CA GLU A 62 24.39 -23.51 -21.74
C GLU A 62 23.62 -22.54 -20.85
N LEU A 63 22.30 -22.48 -21.03
CA LEU A 63 21.44 -21.59 -20.26
C LEU A 63 21.02 -22.28 -18.97
N VAL A 64 21.32 -21.66 -17.83
CA VAL A 64 20.95 -22.17 -16.52
C VAL A 64 20.17 -21.09 -15.80
N VAL A 65 18.88 -21.35 -15.52
CA VAL A 65 18.01 -20.42 -14.82
C VAL A 65 17.90 -20.85 -13.37
N LEU A 66 18.04 -19.88 -12.45
CA LEU A 66 17.96 -20.12 -11.02
C LEU A 66 16.79 -19.34 -10.44
N SER A 67 15.98 -20.02 -9.63
CA SER A 67 14.88 -19.38 -8.87
C SER A 67 15.05 -19.83 -7.43
N LEU A 68 15.89 -19.13 -6.68
CA LEU A 68 16.22 -19.49 -5.31
C LEU A 68 15.86 -18.34 -4.38
N THR A 69 15.95 -18.61 -3.07
CA THR A 69 15.53 -17.61 -2.09
C THR A 69 16.40 -16.36 -2.14
N ASP A 70 17.72 -16.55 -2.21
CA ASP A 70 18.64 -15.42 -2.33
C ASP A 70 19.90 -15.90 -3.04
N TYR A 71 20.91 -15.04 -3.10
CA TYR A 71 22.14 -15.36 -3.81
C TYR A 71 23.05 -16.29 -3.01
N ASP A 72 22.91 -16.33 -1.69
CA ASP A 72 23.69 -17.30 -0.90
C ASP A 72 23.33 -18.73 -1.28
N ALA A 73 22.07 -18.98 -1.65
CA ALA A 73 21.68 -20.30 -2.13
C ALA A 73 22.36 -20.65 -3.45
N MET A 74 22.73 -19.65 -4.25
CA MET A 74 23.48 -19.93 -5.47
C MET A 74 24.84 -20.53 -5.15
N TYR A 75 25.59 -19.88 -4.25
CA TYR A 75 26.88 -20.43 -3.82
C TYR A 75 26.72 -21.81 -3.21
N ALA A 76 25.63 -22.02 -2.45
CA ALA A 76 25.43 -23.30 -1.80
C ALA A 76 25.17 -24.41 -2.81
N LEU A 77 24.42 -24.10 -3.87
CA LEU A 77 24.06 -25.11 -4.85
C LEU A 77 25.14 -25.28 -5.92
N LEU A 78 25.67 -24.17 -6.44
CA LEU A 78 26.62 -24.21 -7.54
C LEU A 78 28.07 -24.30 -7.09
N GLY A 79 28.34 -24.09 -5.81
CA GLY A 79 29.68 -24.11 -5.27
C GLY A 79 30.47 -25.39 -5.52
N PRO A 80 29.92 -26.55 -5.11
CA PRO A 80 30.69 -27.81 -5.21
C PRO A 80 31.26 -28.08 -6.59
N ALA A 81 30.48 -27.89 -7.65
CA ALA A 81 30.94 -28.11 -9.02
C ALA A 81 31.11 -26.79 -9.76
N ALA A 82 31.64 -25.77 -9.09
CA ALA A 82 31.83 -24.48 -9.71
C ALA A 82 32.86 -24.52 -10.84
N ASP A 83 33.75 -25.51 -10.84
CA ASP A 83 34.75 -25.61 -11.89
C ASP A 83 34.11 -25.84 -13.25
N ALA A 84 32.95 -26.49 -13.30
CA ALA A 84 32.27 -26.81 -14.54
C ALA A 84 31.32 -25.69 -14.99
N LEU A 85 31.43 -24.50 -14.42
CA LEU A 85 30.59 -23.38 -14.81
C LEU A 85 31.16 -22.59 -15.99
N ALA A 86 32.31 -23.01 -16.52
CA ALA A 86 32.92 -22.31 -17.64
C ALA A 86 32.03 -22.40 -18.88
N GLY A 87 31.79 -21.25 -19.50
CA GLY A 87 30.96 -21.17 -20.69
C GLY A 87 29.47 -21.18 -20.43
N LYS A 88 29.04 -21.24 -19.17
CA LYS A 88 27.64 -21.28 -18.84
C LYS A 88 27.07 -19.86 -18.72
N VAL A 89 25.79 -19.73 -19.07
CA VAL A 89 25.04 -18.49 -18.89
C VAL A 89 24.07 -18.73 -17.75
N VAL A 90 24.32 -18.10 -16.61
CA VAL A 90 23.51 -18.28 -15.41
C VAL A 90 22.57 -17.08 -15.29
N VAL A 91 21.29 -17.31 -15.54
CA VAL A 91 20.27 -16.28 -15.36
C VAL A 91 19.70 -16.48 -13.96
N ASN A 92 20.09 -15.61 -13.03
CA ASN A 92 19.68 -15.72 -11.64
C ASN A 92 18.46 -14.83 -11.41
N LEU A 93 17.31 -15.47 -11.21
CA LEU A 93 16.05 -14.77 -10.96
C LEU A 93 15.72 -14.71 -9.46
N SER A 94 16.73 -14.67 -8.61
CA SER A 94 16.54 -14.62 -7.17
C SER A 94 16.70 -13.20 -6.68
N SER A 95 15.89 -12.82 -5.69
CA SER A 95 16.01 -11.50 -5.08
C SER A 95 17.26 -11.41 -4.23
N ASP A 96 17.90 -10.24 -4.25
CA ASP A 96 19.00 -9.90 -3.35
C ASP A 96 19.32 -8.43 -3.56
N THR A 97 20.30 -7.94 -2.79
CA THR A 97 20.70 -6.54 -2.90
C THR A 97 21.51 -6.32 -4.17
N PRO A 98 21.60 -5.07 -4.63
CA PRO A 98 22.50 -4.79 -5.76
C PRO A 98 23.94 -5.18 -5.49
N GLU A 99 24.41 -4.99 -4.25
CA GLU A 99 25.78 -5.32 -3.91
C GLU A 99 26.01 -6.83 -4.00
N LYS A 100 25.13 -7.62 -3.38
CA LYS A 100 25.29 -9.08 -3.41
C LYS A 100 25.02 -9.64 -4.80
N THR A 101 24.20 -8.96 -5.59
CA THR A 101 24.01 -9.36 -6.98
C THR A 101 25.28 -9.18 -7.80
N ARG A 102 25.96 -8.05 -7.60
CA ARG A 102 27.25 -7.84 -8.26
C ARG A 102 28.27 -8.87 -7.79
N ALA A 103 28.27 -9.18 -6.49
CA ALA A 103 29.19 -10.18 -5.96
C ALA A 103 28.98 -11.55 -6.60
N GLY A 104 27.72 -11.92 -6.82
CA GLY A 104 27.45 -13.16 -7.53
C GLY A 104 27.94 -13.14 -8.96
N ALA A 105 27.81 -12.00 -9.63
CA ALA A 105 28.33 -11.88 -10.99
C ALA A 105 29.84 -12.01 -11.02
N ARG A 106 30.53 -11.37 -10.06
CA ARG A 106 31.97 -11.49 -9.97
C ARG A 106 32.38 -12.93 -9.73
N TRP A 107 31.65 -13.64 -8.87
CA TRP A 107 31.98 -15.02 -8.55
C TRP A 107 31.77 -15.94 -9.76
N ILE A 108 30.71 -15.71 -10.52
CA ILE A 108 30.45 -16.53 -11.70
C ILE A 108 31.49 -16.27 -12.77
N ALA A 109 31.87 -15.00 -12.97
CA ALA A 109 32.89 -14.67 -13.97
C ALA A 109 34.23 -15.30 -13.61
N GLU A 110 34.57 -15.33 -12.33
CA GLU A 110 35.87 -15.87 -11.93
C GLU A 110 35.96 -17.37 -12.20
N HIS A 111 34.82 -18.05 -12.27
CA HIS A 111 34.78 -19.48 -12.59
C HIS A 111 34.44 -19.73 -14.06
N GLY A 112 34.53 -18.71 -14.90
CA GLY A 112 34.40 -18.88 -16.34
C GLY A 112 33.01 -18.69 -16.90
N GLY A 113 31.99 -18.53 -16.05
CA GLY A 113 30.65 -18.30 -16.53
C GLY A 113 30.32 -16.82 -16.60
N THR A 114 29.08 -16.53 -17.02
CA THR A 114 28.56 -15.18 -17.02
C THR A 114 27.18 -15.19 -16.38
N LEU A 115 26.91 -14.19 -15.56
CA LEU A 115 25.66 -14.10 -14.80
C LEU A 115 24.81 -12.97 -15.33
N ILE A 116 23.54 -13.27 -15.62
CA ILE A 116 22.53 -12.26 -15.92
C ILE A 116 21.59 -12.17 -14.74
N ALA A 117 21.39 -10.95 -14.23
CA ALA A 117 20.53 -10.73 -13.09
C ALA A 117 19.10 -10.46 -13.54
N GLY A 118 18.15 -11.04 -12.83
CA GLY A 118 16.75 -10.88 -13.18
C GLY A 118 15.90 -10.61 -11.95
N GLY A 119 14.85 -9.83 -12.16
CA GLY A 119 13.90 -9.52 -11.11
C GLY A 119 12.47 -9.62 -11.60
N VAL A 120 11.80 -10.73 -11.30
CA VAL A 120 10.48 -11.01 -11.83
C VAL A 120 9.43 -10.32 -10.97
N THR A 121 8.60 -9.50 -11.59
CA THR A 121 7.64 -8.66 -10.86
C THR A 121 6.21 -9.21 -10.93
N CYS A 122 6.05 -10.51 -11.03
CA CYS A 122 4.74 -11.14 -11.08
C CYS A 122 4.71 -12.36 -10.19
N PRO A 123 3.52 -12.76 -9.72
CA PRO A 123 3.41 -13.99 -8.92
C PRO A 123 3.52 -15.22 -9.80
N PRO A 124 3.59 -16.42 -9.20
CA PRO A 124 3.68 -17.65 -10.03
C PRO A 124 2.61 -17.77 -11.10
N SER A 125 1.36 -17.44 -10.77
CA SER A 125 0.29 -17.50 -11.75
C SER A 125 0.46 -16.51 -12.89
N GLY A 126 1.40 -15.56 -12.76
CA GLY A 126 1.69 -14.62 -13.82
C GLY A 126 2.76 -15.05 -14.79
N ILE A 127 3.52 -16.10 -14.46
CA ILE A 127 4.52 -16.65 -15.37
C ILE A 127 3.83 -17.15 -16.64
N GLY A 128 4.46 -16.87 -17.79
CA GLY A 128 3.91 -17.26 -19.07
C GLY A 128 2.90 -16.29 -19.65
N SER A 129 2.44 -15.32 -18.86
CA SER A 129 1.47 -14.37 -19.41
C SER A 129 2.17 -13.13 -19.96
N PRO A 130 1.76 -12.59 -21.11
CA PRO A 130 2.50 -11.47 -21.69
C PRO A 130 2.32 -10.15 -20.93
N GLU A 131 1.34 -10.04 -20.03
CA GLU A 131 1.20 -8.85 -19.20
C GLU A 131 2.22 -8.78 -18.08
N SER A 132 2.91 -9.87 -17.79
CA SER A 132 3.94 -9.93 -16.75
C SER A 132 5.27 -9.43 -17.31
N SER A 133 6.13 -8.98 -16.40
CA SER A 133 7.41 -8.39 -16.76
C SER A 133 8.47 -8.81 -15.74
N ALA A 134 9.73 -8.58 -16.13
CA ALA A 134 10.87 -8.88 -15.28
C ALA A 134 12.03 -7.99 -15.68
N PHE A 135 12.69 -7.38 -14.70
CA PHE A 135 13.86 -6.56 -14.98
C PHE A 135 15.06 -7.46 -15.26
N TYR A 136 15.93 -7.00 -16.16
CA TYR A 136 17.13 -7.76 -16.51
C TYR A 136 18.30 -6.81 -16.66
N SER A 137 19.43 -7.21 -16.09
CA SER A 137 20.68 -6.47 -16.29
C SER A 137 21.83 -7.46 -16.27
N GLY A 138 22.90 -7.10 -16.96
CA GLY A 138 24.03 -7.98 -17.13
C GLY A 138 24.63 -7.81 -18.51
N PRO A 139 25.47 -8.75 -18.92
CA PRO A 139 26.11 -8.67 -20.24
C PRO A 139 25.06 -8.64 -21.35
N SER A 140 25.16 -7.62 -22.21
CA SER A 140 24.16 -7.44 -23.26
C SER A 140 24.17 -8.58 -24.26
N ALA A 141 25.36 -8.99 -24.71
CA ALA A 141 25.45 -10.03 -25.74
C ALA A 141 24.81 -11.34 -25.28
N ALA A 142 25.14 -11.77 -24.05
CA ALA A 142 24.55 -13.00 -23.53
C ALA A 142 23.06 -12.87 -23.32
N PHE A 143 22.58 -11.67 -22.97
CA PHE A 143 21.15 -11.49 -22.75
C PHE A 143 20.36 -11.57 -24.05
N GLU A 144 20.81 -10.86 -25.09
CA GLU A 144 20.11 -10.90 -26.37
C GLU A 144 20.17 -12.30 -26.98
N ARG A 145 21.22 -13.06 -26.67
CA ARG A 145 21.33 -14.42 -27.20
C ARG A 145 20.29 -15.34 -26.59
N HIS A 146 19.82 -15.06 -25.37
CA HIS A 146 18.82 -15.88 -24.71
C HIS A 146 17.54 -15.13 -24.40
N ARG A 147 17.33 -13.95 -25.01
CA ARG A 147 16.14 -13.16 -24.71
C ARG A 147 14.86 -13.89 -25.11
N GLU A 148 14.88 -14.57 -26.26
CA GLU A 148 13.67 -15.24 -26.74
C GLU A 148 13.25 -16.35 -25.79
N THR A 149 14.20 -17.09 -25.24
CA THR A 149 13.87 -18.10 -24.24
C THR A 149 13.33 -17.45 -22.97
N LEU A 150 13.98 -16.37 -22.52
CA LEU A 150 13.51 -15.65 -21.33
C LEU A 150 12.15 -15.00 -21.54
N ARG A 151 11.78 -14.71 -22.80
CA ARG A 151 10.48 -14.12 -23.09
C ARG A 151 9.34 -15.13 -23.02
N THR A 152 9.65 -16.42 -22.85
CA THR A 152 8.60 -17.39 -22.54
C THR A 152 8.03 -17.15 -21.15
N LEU A 153 8.89 -16.74 -20.21
CA LEU A 153 8.45 -16.53 -18.83
C LEU A 153 7.67 -15.22 -18.70
N THR A 154 8.31 -14.09 -19.02
CA THR A 154 7.69 -12.78 -18.94
C THR A 154 8.18 -11.92 -20.10
N ARG A 155 7.70 -10.68 -20.14
CA ARG A 155 8.34 -9.66 -20.96
C ARG A 155 9.67 -9.28 -20.32
N THR A 156 10.65 -8.95 -21.15
CA THR A 156 12.00 -8.64 -20.69
C THR A 156 12.24 -7.14 -20.76
N ASP A 157 12.65 -6.56 -19.63
CA ASP A 157 12.97 -5.14 -19.53
C ASP A 157 14.45 -5.03 -19.20
N TYR A 158 15.27 -4.84 -20.23
CA TYR A 158 16.72 -4.80 -20.05
C TYR A 158 17.15 -3.42 -19.57
N ARG A 159 17.92 -3.39 -18.47
CA ARG A 159 18.26 -2.14 -17.80
C ARG A 159 19.70 -1.71 -17.99
N GLY A 160 20.57 -2.58 -18.48
CA GLY A 160 21.94 -2.22 -18.74
C GLY A 160 22.89 -3.31 -18.32
N GLU A 161 24.18 -2.98 -18.33
CA GLU A 161 25.22 -3.98 -18.12
C GLU A 161 25.42 -4.34 -16.65
N ASP A 162 25.25 -3.39 -15.75
CA ASP A 162 25.54 -3.64 -14.33
C ASP A 162 24.50 -4.57 -13.73
N PRO A 163 24.88 -5.75 -13.21
CA PRO A 163 23.88 -6.66 -12.63
C PRO A 163 23.12 -6.07 -11.47
N GLY A 164 23.66 -5.07 -10.79
CA GLY A 164 22.95 -4.44 -9.69
C GLY A 164 21.72 -3.66 -10.09
N LEU A 165 21.53 -3.43 -11.39
CA LEU A 165 20.41 -2.61 -11.85
C LEU A 165 19.08 -3.35 -11.70
N ALA A 166 19.03 -4.61 -12.16
CA ALA A 166 17.79 -5.38 -12.05
C ALA A 166 17.39 -5.59 -10.60
N ALA A 167 18.36 -5.84 -9.73
CA ALA A 167 18.07 -5.99 -8.30
C ALA A 167 17.60 -4.67 -7.70
N LEU A 168 18.23 -3.56 -8.09
CA LEU A 168 17.81 -2.25 -7.62
C LEU A 168 16.38 -1.95 -8.03
N TRP A 169 16.04 -2.20 -9.30
CA TRP A 169 14.69 -1.95 -9.78
C TRP A 169 13.68 -2.87 -9.10
N TYR A 170 14.08 -4.11 -8.81
CA TYR A 170 13.17 -5.02 -8.11
C TYR A 170 12.87 -4.53 -6.70
N GLN A 171 13.90 -4.06 -5.98
CA GLN A 171 13.69 -3.56 -4.63
C GLN A 171 12.88 -2.29 -4.61
N ILE A 172 13.02 -1.45 -5.64
CA ILE A 172 12.31 -0.17 -5.69
C ILE A 172 10.81 -0.40 -5.70
N GLY A 173 10.35 -1.40 -6.48
CA GLY A 173 8.93 -1.72 -6.48
C GLY A 173 8.48 -2.52 -5.28
N MET A 174 9.35 -3.38 -4.75
CA MET A 174 8.96 -4.27 -3.66
C MET A 174 8.84 -3.54 -2.33
N VAL A 175 9.58 -2.44 -2.14
CA VAL A 175 9.44 -1.68 -0.90
C VAL A 175 8.05 -1.06 -0.83
N MET A 176 7.49 -0.67 -1.98
CA MET A 176 6.11 -0.20 -2.01
C MET A 176 5.15 -1.36 -1.83
N TRP A 177 5.45 -2.50 -2.45
CA TRP A 177 4.52 -3.63 -2.44
C TRP A 177 4.35 -4.20 -1.04
N TRP A 178 5.46 -4.47 -0.35
CA TRP A 178 5.37 -5.04 0.98
C TRP A 178 4.70 -4.06 1.95
N ASN A 179 4.98 -2.77 1.80
CA ASN A 179 4.31 -1.75 2.60
C ASN A 179 2.80 -1.83 2.41
N ALA A 180 2.36 -1.95 1.15
CA ALA A 180 0.92 -1.98 0.87
C ALA A 180 0.28 -3.27 1.37
N MET A 181 0.95 -4.40 1.17
CA MET A 181 0.34 -5.67 1.55
C MET A 181 0.35 -5.86 3.07
N LEU A 182 1.37 -5.37 3.76
CA LEU A 182 1.33 -5.41 5.22
C LEU A 182 0.27 -4.46 5.76
N GLY A 183 -0.01 -3.36 5.05
CA GLY A 183 -1.16 -2.54 5.40
C GLY A 183 -2.47 -3.25 5.16
N TYR A 184 -2.52 -4.12 4.15
CA TYR A 184 -3.71 -4.94 3.93
C TYR A 184 -3.96 -5.86 5.11
N LEU A 185 -2.92 -6.57 5.56
CA LEU A 185 -3.06 -7.41 6.76
C LEU A 185 -3.45 -6.56 7.97
N GLN A 186 -2.86 -5.37 8.10
CA GLN A 186 -3.24 -4.47 9.17
C GLN A 186 -4.72 -4.07 9.07
N ALA A 187 -5.19 -3.81 7.85
CA ALA A 187 -6.59 -3.46 7.66
C ALA A 187 -7.49 -4.66 7.93
N VAL A 188 -7.07 -5.85 7.49
CA VAL A 188 -7.85 -7.06 7.74
C VAL A 188 -7.92 -7.36 9.23
N ALA A 189 -6.82 -7.12 9.95
CA ALA A 189 -6.81 -7.33 11.39
C ALA A 189 -7.77 -6.38 12.09
N LEU A 190 -7.79 -5.12 11.67
CA LEU A 190 -8.74 -4.17 12.25
C LEU A 190 -10.18 -4.57 11.94
N ALA A 191 -10.42 -5.07 10.72
CA ALA A 191 -11.77 -5.48 10.36
C ALA A 191 -12.22 -6.69 11.17
N ASP A 192 -11.30 -7.64 11.42
CA ASP A 192 -11.66 -8.83 12.16
C ASP A 192 -12.03 -8.50 13.60
N ALA A 193 -11.33 -7.53 14.22
CA ALA A 193 -11.67 -7.13 15.57
C ALA A 193 -13.03 -6.45 15.66
N ASN A 194 -13.64 -6.10 14.54
CA ASN A 194 -14.96 -5.47 14.50
C ASN A 194 -15.99 -6.33 13.79
N GLY A 195 -15.72 -7.62 13.65
CA GLY A 195 -16.68 -8.52 13.03
C GLY A 195 -16.77 -8.42 11.53
N LEU A 196 -15.71 -7.97 10.87
CA LEU A 196 -15.68 -7.81 9.42
C LEU A 196 -14.64 -8.75 8.83
N LYS A 197 -14.96 -9.31 7.66
CA LYS A 197 -14.06 -10.21 6.96
C LYS A 197 -13.24 -9.46 5.91
N ALA A 198 -12.15 -10.10 5.47
CA ALA A 198 -11.38 -9.55 4.36
C ALA A 198 -12.24 -9.41 3.11
N ALA A 199 -13.22 -10.30 2.93
CA ALA A 199 -14.12 -10.20 1.79
C ALA A 199 -15.05 -9.00 1.92
N ASP A 200 -15.35 -8.57 3.15
CA ASP A 200 -16.24 -7.42 3.32
C ASP A 200 -15.54 -6.11 2.99
N ILE A 201 -14.27 -5.98 3.38
CA ILE A 201 -13.52 -4.75 3.11
C ILE A 201 -12.80 -4.77 1.78
N LEU A 202 -12.82 -5.90 1.06
CA LEU A 202 -12.12 -6.03 -0.22
C LEU A 202 -12.51 -4.96 -1.24
N PRO A 203 -13.79 -4.68 -1.50
CA PRO A 203 -14.10 -3.64 -2.51
C PRO A 203 -13.57 -2.27 -2.14
N HIS A 204 -13.73 -1.85 -0.88
CA HIS A 204 -13.24 -0.53 -0.47
C HIS A 204 -11.71 -0.48 -0.48
N ALA A 205 -11.06 -1.56 -0.05
CA ALA A 205 -9.60 -1.60 -0.07
C ALA A 205 -9.08 -1.57 -1.49
N SER A 206 -9.78 -2.23 -2.43
CA SER A 206 -9.33 -2.22 -3.82
C SER A 206 -9.54 -0.86 -4.46
N ASP A 207 -10.69 -0.22 -4.20
CA ASP A 207 -10.92 1.12 -4.73
C ASP A 207 -9.88 2.10 -4.22
N THR A 208 -9.43 1.91 -2.97
CA THR A 208 -8.47 2.84 -2.38
C THR A 208 -7.12 2.73 -3.06
N VAL A 209 -6.61 1.51 -3.24
CA VAL A 209 -5.30 1.35 -3.86
C VAL A 209 -5.37 1.61 -5.36
N ALA A 210 -6.54 1.40 -5.97
CA ALA A 210 -6.66 1.64 -7.41
C ALA A 210 -6.57 3.12 -7.76
N GLY A 211 -6.89 4.00 -6.82
CA GLY A 211 -6.75 5.42 -7.03
C GLY A 211 -5.38 5.99 -6.74
N LEU A 212 -4.46 5.16 -6.26
CA LEU A 212 -3.11 5.59 -5.89
C LEU A 212 -2.26 6.07 -7.07
N PRO A 213 -2.38 5.48 -8.28
CA PRO A 213 -1.60 6.01 -9.41
C PRO A 213 -1.78 7.50 -9.66
N PHE A 214 -2.99 8.03 -9.44
CA PHE A 214 -3.20 9.47 -9.64
C PHE A 214 -2.34 10.29 -8.69
N PHE A 215 -2.18 9.82 -7.46
CA PHE A 215 -1.33 10.53 -6.50
C PHE A 215 0.14 10.30 -6.76
N LEU A 216 0.52 9.13 -7.28
CA LEU A 216 1.90 8.90 -7.66
C LEU A 216 2.32 9.85 -8.77
N ARG A 217 1.46 10.07 -9.75
CA ARG A 217 1.76 11.01 -10.83
C ARG A 217 1.80 12.44 -10.30
N PHE A 218 0.83 12.81 -9.48
CA PHE A 218 0.75 14.18 -8.98
C PHE A 218 1.99 14.56 -8.18
N TYR A 219 2.51 13.61 -7.39
CA TYR A 219 3.65 13.91 -6.52
C TYR A 219 4.98 13.65 -7.19
N ALA A 220 5.02 12.84 -8.25
CA ALA A 220 6.28 12.60 -8.95
C ALA A 220 6.85 13.89 -9.52
N ASP A 221 6.00 14.65 -10.19
CA ASP A 221 6.41 15.94 -10.80
C ASP A 221 6.85 16.92 -9.70
N ARG A 222 6.15 16.93 -8.59
CA ARG A 222 6.45 17.88 -7.53
C ARG A 222 7.74 17.54 -6.82
N ILE A 223 7.95 16.25 -6.52
CA ILE A 223 9.18 15.83 -5.85
C ILE A 223 10.40 16.14 -6.72
N ASP A 224 10.27 15.96 -8.03
CA ASP A 224 11.40 16.15 -8.93
C ASP A 224 11.82 17.62 -9.06
N THR A 225 10.90 18.56 -8.81
CA THR A 225 11.30 19.96 -8.76
C THR A 225 12.07 20.32 -7.49
N GLY A 226 12.15 19.40 -6.52
CA GLY A 226 12.84 19.68 -5.29
C GLY A 226 12.10 20.57 -4.31
N HIS A 227 10.92 21.05 -4.66
CA HIS A 227 10.14 21.93 -3.79
C HIS A 227 8.93 21.17 -3.27
N HIS A 228 8.78 21.13 -1.95
CA HIS A 228 7.70 20.38 -1.31
C HIS A 228 6.72 21.34 -0.64
N GLY A 229 6.15 22.26 -1.43
CA GLY A 229 5.25 23.25 -0.87
C GLY A 229 3.99 22.63 -0.31
N GLY A 230 3.47 23.24 0.75
CA GLY A 230 2.28 22.74 1.41
C GLY A 230 0.98 23.20 0.79
N ASP A 231 1.03 23.60 -0.48
CA ASP A 231 -0.17 24.07 -1.16
C ASP A 231 -1.11 22.93 -1.53
N ALA A 232 -0.58 21.73 -1.75
CA ALA A 232 -1.41 20.58 -2.07
C ALA A 232 -1.84 19.81 -0.83
N ASP A 233 -1.03 19.83 0.22
CA ASP A 233 -1.31 19.13 1.46
C ASP A 233 -0.32 19.61 2.52
N ARG A 234 -0.69 19.47 3.78
CA ARG A 234 0.15 19.86 4.89
C ARG A 234 0.53 18.64 5.71
N LEU A 235 1.83 18.48 5.96
CA LEU A 235 2.33 17.31 6.66
C LEU A 235 1.69 17.15 8.03
N ALA A 236 1.40 18.25 8.71
CA ALA A 236 0.77 18.18 10.03
C ALA A 236 -0.62 17.54 9.96
N MET A 237 -1.33 17.76 8.85
CA MET A 237 -2.61 17.08 8.67
C MET A 237 -2.42 15.60 8.40
N GLY A 238 -1.32 15.22 7.76
CA GLY A 238 -1.01 13.81 7.61
C GLY A 238 -0.67 13.16 8.93
N THR A 239 0.02 13.90 9.81
CA THR A 239 0.31 13.38 11.16
C THR A 239 -0.97 13.08 11.91
N ALA A 240 -1.95 13.99 11.85
CA ALA A 240 -3.23 13.74 12.50
C ALA A 240 -3.94 12.54 11.87
N SER A 241 -3.75 12.33 10.57
CA SER A 241 -4.43 11.22 9.90
C SER A 241 -3.85 9.88 10.32
N VAL A 242 -2.51 9.76 10.33
CA VAL A 242 -1.89 8.50 10.70
C VAL A 242 -2.03 8.25 12.19
N GLU A 243 -2.12 9.31 12.99
CA GLU A 243 -2.39 9.13 14.42
C GLU A 243 -3.79 8.59 14.65
N HIS A 244 -4.74 8.98 13.80
CA HIS A 244 -6.08 8.41 13.90
C HIS A 244 -6.07 6.93 13.57
N ILE A 245 -5.29 6.52 12.57
CA ILE A 245 -5.15 5.10 12.25
C ILE A 245 -4.57 4.35 13.44
N LEU A 246 -3.46 4.87 14.00
CA LEU A 246 -2.79 4.21 15.11
C LEU A 246 -3.72 4.02 16.29
N HIS A 247 -4.41 5.09 16.71
CA HIS A 247 -5.28 4.99 17.87
C HIS A 247 -6.51 4.14 17.57
N THR A 248 -6.98 4.14 16.33
CA THR A 248 -8.06 3.22 15.94
C THR A 248 -7.61 1.77 16.12
N MET A 249 -6.39 1.47 15.69
CA MET A 249 -5.84 0.13 15.87
C MET A 249 -5.76 -0.25 17.35
N ALA A 250 -5.21 0.65 18.17
CA ALA A 250 -5.02 0.33 19.58
C ALA A 250 -6.35 0.23 20.31
N ASP A 251 -7.34 1.03 19.92
CA ASP A 251 -8.65 0.97 20.56
C ASP A 251 -9.31 -0.39 20.33
N SER A 252 -9.02 -1.03 19.20
CA SER A 252 -9.59 -2.33 18.86
C SER A 252 -8.72 -3.50 19.31
N GLY A 253 -7.64 -3.23 20.05
CA GLY A 253 -6.77 -4.29 20.53
C GLY A 253 -5.86 -4.89 19.48
N VAL A 254 -5.76 -4.28 18.31
CA VAL A 254 -4.95 -4.78 17.21
C VAL A 254 -3.52 -4.30 17.40
N ASP A 255 -2.56 -5.14 16.99
CA ASP A 255 -1.15 -4.78 17.06
C ASP A 255 -0.90 -3.46 16.35
N THR A 256 0.04 -2.68 16.88
CA THR A 256 0.27 -1.31 16.43
C THR A 256 1.70 -1.07 15.96
N ALA A 257 2.53 -2.11 15.89
CA ALA A 257 3.96 -1.93 15.60
C ALA A 257 4.19 -1.09 14.35
N LEU A 258 3.51 -1.45 13.25
CA LEU A 258 3.70 -0.69 12.01
C LEU A 258 3.03 0.68 12.06
N PRO A 259 1.78 0.83 12.55
CA PRO A 259 1.24 2.19 12.73
C PRO A 259 2.13 3.10 13.57
N GLU A 260 2.79 2.55 14.59
CA GLU A 260 3.72 3.36 15.37
C GLU A 260 4.89 3.82 14.52
N ALA A 261 5.40 2.96 13.66
CA ALA A 261 6.52 3.34 12.79
C ALA A 261 6.10 4.41 11.80
N VAL A 262 4.86 4.35 11.31
CA VAL A 262 4.37 5.37 10.39
C VAL A 262 4.26 6.71 11.10
N VAL A 263 3.64 6.71 12.29
CA VAL A 263 3.54 7.94 13.07
C VAL A 263 4.93 8.49 13.39
N ALA A 264 5.88 7.60 13.70
CA ALA A 264 7.23 8.03 14.05
C ALA A 264 7.88 8.81 12.91
N LEU A 265 7.63 8.42 11.67
CA LEU A 265 8.24 9.13 10.54
C LEU A 265 7.61 10.50 10.36
N PHE A 266 6.30 10.61 10.57
CA PHE A 266 5.65 11.91 10.49
C PHE A 266 6.16 12.85 11.58
N ARG A 267 6.38 12.32 12.78
CA ARG A 267 6.92 13.14 13.87
C ARG A 267 8.32 13.62 13.56
N ARG A 268 9.11 12.81 12.84
CA ARG A 268 10.40 13.28 12.36
C ARG A 268 10.23 14.40 11.33
N GLY A 269 9.22 14.29 10.47
CA GLY A 269 8.93 15.37 9.53
C GLY A 269 8.60 16.66 10.23
N GLU A 270 7.81 16.59 11.30
CA GLU A 270 7.51 17.80 12.07
C GLU A 270 8.73 18.29 12.84
N ALA A 271 9.58 17.37 13.30
CA ALA A 271 10.76 17.77 14.05
C ALA A 271 11.77 18.46 13.14
N ALA A 272 11.76 18.15 11.84
CA ALA A 272 12.59 18.83 10.86
C ALA A 272 12.00 20.15 10.39
N GLY A 273 10.87 20.56 10.96
CA GLY A 273 10.24 21.82 10.60
C GLY A 273 9.40 21.78 9.34
N TYR A 274 8.86 20.60 8.98
CA TYR A 274 8.12 20.45 7.74
C TYR A 274 6.61 20.45 7.95
N ALA A 275 6.13 20.94 9.09
CA ALA A 275 4.71 20.82 9.41
C ALA A 275 3.82 21.47 8.36
N GLU A 276 4.22 22.64 7.87
CA GLU A 276 3.43 23.38 6.89
C GLU A 276 3.74 22.99 5.45
N ASN A 277 4.73 22.13 5.23
CA ASN A 277 5.06 21.66 3.89
C ASN A 277 4.29 20.38 3.57
N SER A 278 4.40 19.96 2.30
CA SER A 278 3.79 18.70 1.89
C SER A 278 4.45 17.53 2.60
N PHE A 279 3.69 16.45 2.77
CA PHE A 279 4.25 15.23 3.34
C PHE A 279 5.37 14.67 2.47
N SER A 280 5.41 15.05 1.19
CA SER A 280 6.50 14.64 0.32
C SER A 280 7.85 15.14 0.82
N SER A 281 7.86 16.20 1.64
CA SER A 281 9.10 16.72 2.18
C SER A 281 9.87 15.65 2.98
N MET A 282 9.18 14.62 3.47
CA MET A 282 9.84 13.56 4.20
C MET A 282 10.79 12.75 3.33
N VAL A 283 10.72 12.89 2.01
CA VAL A 283 11.71 12.26 1.14
C VAL A 283 13.10 12.79 1.42
N GLU A 284 13.20 13.99 2.00
CA GLU A 284 14.50 14.56 2.34
C GLU A 284 15.07 13.93 3.60
N LEU A 285 14.21 13.63 4.59
CA LEU A 285 14.68 12.82 5.72
C LEU A 285 15.05 11.42 5.28
N LEU A 286 14.26 10.84 4.37
CA LEU A 286 14.48 9.47 3.95
C LEU A 286 15.78 9.31 3.16
N LYS A 287 16.31 10.39 2.60
CA LYS A 287 17.58 10.32 1.84
C LYS A 287 18.80 10.37 2.76
N LYS A 288 18.61 10.73 4.04
CA LYS A 288 19.73 10.78 4.95
C LYS A 288 20.03 9.39 5.51
N PRO A 289 21.32 9.06 5.67
CA PRO A 289 21.67 7.69 6.08
C PRO A 289 21.18 7.36 7.49
N SER A 290 21.17 6.06 7.78
CA SER A 290 20.73 5.53 9.06
C SER A 290 19.29 5.91 9.35
N PRO B 4 -35.65 20.73 -1.75
CA PRO B 4 -34.29 20.93 -1.26
C PRO B 4 -34.28 21.57 0.13
N ALA B 5 -34.09 20.74 1.15
CA ALA B 5 -34.27 21.18 2.53
C ALA B 5 -33.19 22.18 2.92
N PRO B 6 -33.53 23.14 3.79
CA PRO B 6 -32.52 24.05 4.34
C PRO B 6 -31.69 23.36 5.41
N LEU B 7 -30.48 23.89 5.61
CA LEU B 7 -29.56 23.30 6.56
C LEU B 7 -28.49 24.32 6.93
N THR B 8 -27.76 24.01 8.00
CA THR B 8 -26.67 24.83 8.50
C THR B 8 -25.35 24.08 8.31
N LEU B 9 -24.32 24.80 7.87
CA LEU B 9 -23.00 24.22 7.66
C LEU B 9 -21.98 25.02 8.47
N ILE B 10 -21.20 24.32 9.29
CA ILE B 10 -20.18 24.93 10.13
C ILE B 10 -18.84 24.28 9.81
N GLY B 11 -17.81 25.10 9.62
CA GLY B 11 -16.52 24.61 9.21
C GLY B 11 -16.30 24.85 7.73
N LEU B 12 -15.51 25.86 7.39
CA LEU B 12 -15.40 26.34 6.02
C LEU B 12 -13.97 26.23 5.50
N GLY B 13 -13.29 25.12 5.82
CA GLY B 13 -12.08 24.78 5.14
C GLY B 13 -12.39 24.28 3.73
N PRO B 14 -11.35 23.78 3.06
CA PRO B 14 -11.54 23.31 1.67
C PRO B 14 -12.70 22.34 1.50
N MET B 15 -12.92 21.46 2.46
CA MET B 15 -14.04 20.52 2.35
C MET B 15 -15.37 21.25 2.52
N GLY B 16 -15.51 22.01 3.61
CA GLY B 16 -16.74 22.75 3.84
C GLY B 16 -17.08 23.72 2.72
N GLN B 17 -16.06 24.29 2.06
CA GLN B 17 -16.32 25.17 0.93
C GLN B 17 -16.99 24.42 -0.20
N ALA B 18 -16.46 23.23 -0.54
CA ALA B 18 -17.02 22.45 -1.64
C ALA B 18 -18.43 21.97 -1.32
N MET B 19 -18.67 21.55 -0.08
CA MET B 19 -20.03 21.16 0.31
C MET B 19 -20.98 22.35 0.24
N GLY B 20 -20.58 23.50 0.79
CA GLY B 20 -21.42 24.68 0.72
C GLY B 20 -21.77 25.07 -0.71
N ASN B 21 -20.81 24.96 -1.61
CA ASN B 21 -21.08 25.25 -3.02
C ASN B 21 -21.99 24.20 -3.64
N ALA B 22 -21.76 22.92 -3.33
CA ALA B 22 -22.61 21.86 -3.86
C ALA B 22 -24.03 21.99 -3.34
N LEU B 23 -24.20 22.40 -2.09
CA LEU B 23 -25.53 22.61 -1.55
C LEU B 23 -26.23 23.78 -2.23
N LEU B 24 -25.51 24.91 -2.39
CA LEU B 24 -26.09 26.05 -3.08
C LEU B 24 -26.38 25.72 -4.54
N ASP B 25 -25.55 24.89 -5.16
CA ASP B 25 -25.80 24.49 -6.55
C ASP B 25 -27.13 23.79 -6.68
N ARG B 26 -27.46 22.89 -5.75
CA ARG B 26 -28.70 22.15 -5.79
C ARG B 26 -29.90 22.95 -5.32
N GLY B 27 -29.67 24.12 -4.72
CA GLY B 27 -30.75 24.99 -4.30
C GLY B 27 -31.10 24.94 -2.82
N HIS B 28 -30.26 24.35 -1.99
CA HIS B 28 -30.52 24.31 -0.56
C HIS B 28 -30.35 25.70 0.06
N GLY B 29 -31.26 26.04 0.96
CA GLY B 29 -31.10 27.24 1.76
C GLY B 29 -30.03 27.05 2.81
N LEU B 30 -28.93 27.79 2.72
CA LEU B 30 -27.73 27.50 3.47
C LEU B 30 -27.41 28.61 4.45
N THR B 31 -27.31 28.25 5.73
CA THR B 31 -26.76 29.11 6.76
C THR B 31 -25.35 28.63 7.08
N VAL B 32 -24.38 29.55 7.08
CA VAL B 32 -22.99 29.20 7.31
C VAL B 32 -22.46 29.95 8.52
N TRP B 33 -21.45 29.35 9.14
CA TRP B 33 -20.66 30.00 10.18
C TRP B 33 -19.29 29.35 10.21
N ASN B 34 -18.27 30.15 10.49
CA ASN B 34 -16.91 29.65 10.58
C ASN B 34 -16.17 30.44 11.64
N ARG B 35 -15.20 29.79 12.29
CA ARG B 35 -14.39 30.48 13.29
C ARG B 35 -13.65 31.65 12.66
N THR B 36 -13.18 31.48 11.43
CA THR B 36 -12.60 32.57 10.63
C THR B 36 -13.70 33.05 9.69
N ALA B 37 -14.29 34.20 10.00
CA ALA B 37 -15.52 34.62 9.35
C ALA B 37 -15.33 34.95 7.88
N SER B 38 -14.14 35.41 7.47
CA SER B 38 -13.92 35.77 6.09
C SER B 38 -14.00 34.57 5.15
N ARG B 39 -13.84 33.35 5.68
CA ARG B 39 -13.95 32.15 4.86
C ARG B 39 -15.34 31.99 4.25
N ALA B 40 -16.35 32.62 4.83
CA ALA B 40 -17.71 32.52 4.33
C ALA B 40 -18.01 33.52 3.21
N ASP B 41 -17.05 34.38 2.86
CA ASP B 41 -17.34 35.50 1.95
C ASP B 41 -17.89 35.01 0.61
N ALA B 42 -17.19 34.08 -0.03
CA ALA B 42 -17.62 33.61 -1.35
C ALA B 42 -18.98 32.91 -1.29
N LEU B 43 -19.21 32.12 -0.24
CA LEU B 43 -20.50 31.44 -0.11
C LEU B 43 -21.62 32.43 0.20
N VAL B 44 -21.33 33.47 0.98
CA VAL B 44 -22.35 34.47 1.30
C VAL B 44 -22.70 35.28 0.06
N ALA B 45 -21.71 35.62 -0.76
CA ALA B 45 -21.99 36.33 -2.00
C ALA B 45 -22.84 35.49 -2.95
N ARG B 46 -22.77 34.16 -2.82
CA ARG B 46 -23.59 33.27 -3.63
C ARG B 46 -25.02 33.14 -3.13
N GLY B 47 -25.31 33.58 -1.91
CA GLY B 47 -26.67 33.51 -1.40
C GLY B 47 -26.79 32.86 -0.04
N ALA B 48 -25.69 32.30 0.47
CA ALA B 48 -25.72 31.70 1.79
C ALA B 48 -25.92 32.77 2.86
N VAL B 49 -26.63 32.39 3.92
CA VAL B 49 -26.91 33.28 5.03
C VAL B 49 -25.79 33.15 6.05
N ARG B 50 -25.11 34.26 6.34
CA ARG B 50 -24.05 34.26 7.33
C ARG B 50 -24.65 34.39 8.72
N ALA B 51 -24.36 33.42 9.59
CA ALA B 51 -24.80 33.53 10.97
C ALA B 51 -23.80 34.35 11.76
N PRO B 52 -24.25 35.31 12.58
CA PRO B 52 -23.30 36.13 13.33
C PRO B 52 -22.61 35.38 14.45
N THR B 53 -23.21 34.30 14.96
CA THR B 53 -22.62 33.52 16.04
C THR B 53 -22.86 32.04 15.77
N VAL B 54 -22.05 31.21 16.43
CA VAL B 54 -22.27 29.76 16.33
C VAL B 54 -23.60 29.39 16.96
N ALA B 55 -24.01 30.12 18.00
CA ALA B 55 -25.32 29.88 18.60
C ALA B 55 -26.43 30.14 17.60
N ALA B 56 -26.35 31.28 16.88
CA ALA B 56 -27.36 31.59 15.88
C ALA B 56 -27.34 30.56 14.74
N ALA B 57 -26.14 30.08 14.38
CA ALA B 57 -26.03 29.08 13.33
C ALA B 57 -26.75 27.79 13.70
N VAL B 58 -26.54 27.31 14.92
CA VAL B 58 -27.15 26.06 15.35
C VAL B 58 -28.67 26.22 15.46
N ALA B 59 -29.13 27.38 15.91
CA ALA B 59 -30.56 27.60 16.12
C ALA B 59 -31.32 27.79 14.81
N ALA B 60 -30.63 28.04 13.70
CA ALA B 60 -31.30 28.40 12.46
C ALA B 60 -31.92 27.21 11.74
N ASN B 61 -31.44 25.99 11.99
CA ASN B 61 -31.92 24.84 11.24
C ASN B 61 -31.90 23.60 12.13
N GLU B 62 -32.65 22.59 11.70
CA GLU B 62 -32.59 21.29 12.37
C GLU B 62 -31.34 20.52 11.97
N LEU B 63 -30.99 20.52 10.68
CA LEU B 63 -29.82 19.81 10.20
C LEU B 63 -28.60 20.72 10.32
N VAL B 64 -27.59 20.24 11.03
CA VAL B 64 -26.33 20.96 11.22
C VAL B 64 -25.20 20.06 10.75
N VAL B 65 -24.47 20.49 9.73
CA VAL B 65 -23.37 19.72 9.16
C VAL B 65 -22.06 20.32 9.62
N LEU B 66 -21.17 19.48 10.15
CA LEU B 66 -19.88 19.91 10.66
C LEU B 66 -18.76 19.38 9.75
N SER B 67 -17.81 20.26 9.41
CA SER B 67 -16.64 19.89 8.64
C SER B 67 -15.43 20.56 9.32
N LEU B 68 -15.04 20.04 10.47
CA LEU B 68 -13.93 20.56 11.26
C LEU B 68 -12.76 19.58 11.20
N THR B 69 -11.75 19.83 12.04
CA THR B 69 -10.56 18.99 12.04
C THR B 69 -10.85 17.63 12.68
N ASP B 70 -11.16 17.62 13.97
CA ASP B 70 -11.44 16.38 14.69
C ASP B 70 -12.62 16.63 15.62
N TYR B 71 -12.90 15.66 16.50
CA TYR B 71 -14.05 15.76 17.38
C TYR B 71 -13.79 16.66 18.59
N ASP B 72 -12.52 16.91 18.92
CA ASP B 72 -12.24 17.90 19.95
C ASP B 72 -12.60 19.31 19.47
N ALA B 73 -12.49 19.56 18.16
CA ALA B 73 -12.92 20.84 17.62
C ALA B 73 -14.42 21.02 17.72
N MET B 74 -15.19 19.93 17.73
CA MET B 74 -16.63 20.04 17.90
C MET B 74 -16.98 20.46 19.33
N TYR B 75 -16.26 19.92 20.32
CA TYR B 75 -16.50 20.33 21.70
C TYR B 75 -16.14 21.80 21.91
N ALA B 76 -14.99 22.22 21.38
CA ALA B 76 -14.57 23.61 21.54
C ALA B 76 -15.55 24.56 20.87
N LEU B 77 -16.12 24.15 19.74
CA LEU B 77 -17.02 25.03 19.01
C LEU B 77 -18.44 24.99 19.57
N LEU B 78 -19.00 23.80 19.74
CA LEU B 78 -20.40 23.66 20.14
C LEU B 78 -20.60 23.72 21.65
N GLY B 79 -19.52 23.57 22.43
CA GLY B 79 -19.60 23.62 23.87
C GLY B 79 -20.34 24.82 24.42
N PRO B 80 -19.88 26.03 24.05
CA PRO B 80 -20.60 27.23 24.51
C PRO B 80 -22.06 27.28 24.08
N ALA B 81 -22.41 26.68 22.95
CA ALA B 81 -23.77 26.68 22.44
C ALA B 81 -24.49 25.35 22.70
N ALA B 82 -24.02 24.55 23.64
CA ALA B 82 -24.55 23.20 23.85
C ALA B 82 -26.01 23.20 24.23
N ASP B 83 -26.55 24.31 24.74
CA ASP B 83 -27.95 24.36 25.09
C ASP B 83 -28.83 24.29 23.84
N ALA B 84 -28.39 24.91 22.74
CA ALA B 84 -29.17 24.95 21.51
C ALA B 84 -29.16 23.64 20.75
N LEU B 85 -28.55 22.59 21.30
CA LEU B 85 -28.43 21.31 20.59
C LEU B 85 -29.68 20.45 20.69
N ALA B 86 -30.62 20.79 21.58
CA ALA B 86 -31.82 19.98 21.75
C ALA B 86 -32.64 19.96 20.47
N GLY B 87 -32.92 18.75 19.98
CA GLY B 87 -33.72 18.56 18.78
C GLY B 87 -32.96 18.62 17.48
N LYS B 88 -31.66 18.89 17.52
CA LYS B 88 -30.85 19.03 16.32
C LYS B 88 -30.33 17.67 15.84
N VAL B 89 -30.08 17.58 14.54
CA VAL B 89 -29.42 16.44 13.93
C VAL B 89 -28.05 16.90 13.48
N VAL B 90 -27.02 16.48 14.20
CA VAL B 90 -25.65 16.88 13.91
C VAL B 90 -25.01 15.82 13.02
N VAL B 91 -24.72 16.19 11.78
CA VAL B 91 -23.99 15.33 10.85
C VAL B 91 -22.53 15.80 10.87
N ASN B 92 -21.69 15.09 11.61
CA ASN B 92 -20.28 15.42 11.74
C ASN B 92 -19.51 14.65 10.67
N LEU B 93 -18.94 15.38 9.72
CA LEU B 93 -18.18 14.78 8.62
C LEU B 93 -16.67 14.87 8.84
N SER B 94 -16.25 15.18 10.06
CA SER B 94 -14.83 15.20 10.38
C SER B 94 -14.33 13.79 10.66
N SER B 95 -13.11 13.49 10.22
CA SER B 95 -12.52 12.19 10.45
C SER B 95 -11.89 12.12 11.82
N ASP B 96 -12.06 10.98 12.49
CA ASP B 96 -11.52 10.72 13.81
C ASP B 96 -11.62 9.22 14.06
N THR B 97 -11.13 8.79 15.23
CA THR B 97 -11.23 7.38 15.57
C THR B 97 -12.67 7.01 15.87
N PRO B 98 -13.02 5.73 15.74
CA PRO B 98 -14.38 5.28 16.12
C PRO B 98 -14.75 5.61 17.56
N GLU B 99 -13.81 5.49 18.50
CA GLU B 99 -14.13 5.73 19.90
C GLU B 99 -14.37 7.20 20.17
N LYS B 100 -13.55 8.08 19.58
CA LYS B 100 -13.81 9.51 19.72
C LYS B 100 -15.12 9.90 19.04
N THR B 101 -15.48 9.20 17.97
CA THR B 101 -16.79 9.43 17.35
C THR B 101 -17.91 8.99 18.28
N ARG B 102 -17.75 7.82 18.92
CA ARG B 102 -18.78 7.32 19.83
C ARG B 102 -18.94 8.23 21.04
N ALA B 103 -17.83 8.73 21.59
CA ALA B 103 -17.92 9.68 22.69
C ALA B 103 -18.62 10.96 22.25
N GLY B 104 -18.36 11.41 21.03
CA GLY B 104 -19.04 12.59 20.52
C GLY B 104 -20.54 12.37 20.34
N ALA B 105 -20.92 11.15 19.94
CA ALA B 105 -22.34 10.83 19.82
C ALA B 105 -23.02 10.84 21.17
N ARG B 106 -22.34 10.32 22.21
CA ARG B 106 -22.91 10.35 23.55
C ARG B 106 -23.00 11.79 24.07
N TRP B 107 -22.05 12.64 23.70
CA TRP B 107 -22.08 14.03 24.12
C TRP B 107 -23.24 14.78 23.47
N ILE B 108 -23.44 14.58 22.17
CA ILE B 108 -24.57 15.20 21.49
C ILE B 108 -25.89 14.69 22.07
N ALA B 109 -25.95 13.40 22.41
CA ALA B 109 -27.16 12.86 23.01
C ALA B 109 -27.41 13.44 24.40
N GLU B 110 -26.33 13.67 25.16
CA GLU B 110 -26.47 14.23 26.50
C GLU B 110 -27.09 15.62 26.49
N HIS B 111 -27.00 16.34 25.37
CA HIS B 111 -27.52 17.70 25.29
C HIS B 111 -28.77 17.78 24.40
N GLY B 112 -29.45 16.65 24.18
CA GLY B 112 -30.75 16.64 23.53
C GLY B 112 -30.72 16.35 22.04
N GLY B 113 -29.56 16.34 21.40
CA GLY B 113 -29.46 16.12 19.98
C GLY B 113 -29.21 14.67 19.62
N THR B 114 -28.91 14.45 18.34
CA THR B 114 -28.52 13.14 17.85
C THR B 114 -27.51 13.33 16.72
N LEU B 115 -26.44 12.54 16.77
CA LEU B 115 -25.31 12.71 15.85
C LEU B 115 -25.29 11.61 14.80
N ILE B 116 -25.07 12.01 13.55
CA ILE B 116 -24.78 11.10 12.46
C ILE B 116 -23.34 11.33 12.02
N ALA B 117 -22.57 10.27 11.92
CA ALA B 117 -21.16 10.36 11.58
C ALA B 117 -20.95 10.04 10.10
N GLY B 118 -20.06 10.78 9.47
CA GLY B 118 -19.78 10.58 8.06
C GLY B 118 -18.30 10.50 7.79
N GLY B 119 -17.92 9.60 6.89
CA GLY B 119 -16.55 9.46 6.44
C GLY B 119 -16.43 9.65 4.95
N VAL B 120 -16.01 10.85 4.55
CA VAL B 120 -15.94 11.20 3.13
C VAL B 120 -14.65 10.63 2.54
N THR B 121 -14.77 9.90 1.43
CA THR B 121 -13.65 9.21 0.81
C THR B 121 -13.20 9.89 -0.47
N CYS B 122 -13.42 11.19 -0.59
CA CYS B 122 -13.06 11.95 -1.78
C CYS B 122 -12.49 13.30 -1.37
N PRO B 123 -11.59 13.87 -2.17
CA PRO B 123 -11.08 15.20 -1.88
C PRO B 123 -12.15 16.26 -2.09
N PRO B 124 -11.89 17.51 -1.68
CA PRO B 124 -12.91 18.56 -1.89
C PRO B 124 -13.47 18.63 -3.30
N SER B 125 -12.63 18.45 -4.32
CA SER B 125 -13.10 18.51 -5.70
C SER B 125 -14.05 17.36 -6.05
N GLY B 126 -14.21 16.38 -5.16
CA GLY B 126 -15.12 15.29 -5.43
C GLY B 126 -16.53 15.54 -4.93
N ILE B 127 -16.68 16.54 -4.06
CA ILE B 127 -17.99 16.85 -3.50
C ILE B 127 -18.94 17.27 -4.61
N GLY B 128 -20.15 16.71 -4.59
CA GLY B 128 -21.12 16.92 -5.65
C GLY B 128 -20.95 16.03 -6.86
N SER B 129 -19.76 15.48 -7.07
CA SER B 129 -19.54 14.60 -8.21
C SER B 129 -20.29 13.29 -8.02
N PRO B 130 -20.77 12.67 -9.10
CA PRO B 130 -21.64 11.49 -8.95
C PRO B 130 -20.93 10.25 -8.45
N GLU B 131 -19.63 10.11 -8.71
CA GLU B 131 -18.89 8.92 -8.28
C GLU B 131 -18.24 9.09 -6.92
N SER B 132 -18.49 10.21 -6.23
CA SER B 132 -17.99 10.40 -4.88
C SER B 132 -18.85 9.63 -3.89
N SER B 133 -18.23 9.19 -2.80
CA SER B 133 -18.93 8.37 -1.82
C SER B 133 -18.49 8.78 -0.41
N ALA B 134 -19.37 8.50 0.56
CA ALA B 134 -19.08 8.73 1.97
C ALA B 134 -19.75 7.65 2.80
N PHE B 135 -19.03 7.15 3.80
CA PHE B 135 -19.62 6.25 4.77
C PHE B 135 -20.46 7.02 5.77
N TYR B 136 -21.49 6.36 6.28
CA TYR B 136 -22.38 6.99 7.25
C TYR B 136 -22.79 5.97 8.30
N SER B 137 -22.84 6.43 9.55
CA SER B 137 -23.27 5.58 10.65
C SER B 137 -23.96 6.45 11.69
N GLY B 138 -24.78 5.80 12.52
CA GLY B 138 -25.59 6.50 13.48
C GLY B 138 -27.04 6.07 13.40
N PRO B 139 -27.90 6.65 14.25
CA PRO B 139 -29.32 6.29 14.26
C PRO B 139 -29.96 6.36 12.88
N SER B 140 -30.53 5.25 12.43
CA SER B 140 -30.98 5.12 11.05
C SER B 140 -32.11 6.09 10.73
N ALA B 141 -33.06 6.24 11.65
CA ALA B 141 -34.22 7.10 11.38
C ALA B 141 -33.81 8.55 11.17
N ALA B 142 -32.90 9.05 12.02
CA ALA B 142 -32.40 10.40 11.82
C ALA B 142 -31.58 10.51 10.55
N PHE B 143 -30.83 9.45 10.20
CA PHE B 143 -30.09 9.45 8.94
C PHE B 143 -31.04 9.38 7.75
N GLU B 144 -32.06 8.54 7.83
CA GLU B 144 -32.99 8.37 6.72
C GLU B 144 -33.76 9.65 6.45
N ARG B 145 -34.01 10.46 7.47
CA ARG B 145 -34.76 11.70 7.28
C ARG B 145 -33.95 12.78 6.57
N HIS B 146 -32.62 12.71 6.63
CA HIS B 146 -31.76 13.69 5.99
C HIS B 146 -30.88 13.09 4.90
N ARG B 147 -31.12 11.83 4.53
CA ARG B 147 -30.29 11.17 3.53
C ARG B 147 -30.35 11.89 2.18
N GLU B 148 -31.54 12.36 1.79
CA GLU B 148 -31.67 13.02 0.50
C GLU B 148 -30.88 14.33 0.45
N THR B 149 -30.77 15.03 1.57
CA THR B 149 -29.94 16.23 1.62
C THR B 149 -28.46 15.86 1.55
N LEU B 150 -28.05 14.85 2.31
CA LEU B 150 -26.65 14.43 2.30
C LEU B 150 -26.24 13.88 0.94
N ARG B 151 -27.19 13.32 0.19
CA ARG B 151 -26.91 12.79 -1.14
C ARG B 151 -26.54 13.89 -2.14
N THR B 152 -26.76 15.15 -1.79
CA THR B 152 -26.26 16.25 -2.62
C THR B 152 -24.74 16.30 -2.60
N LEU B 153 -24.13 15.94 -1.47
CA LEU B 153 -22.67 15.98 -1.35
C LEU B 153 -22.01 14.78 -2.01
N THR B 154 -22.36 13.58 -1.57
CA THR B 154 -21.81 12.34 -2.11
C THR B 154 -22.92 11.30 -2.19
N ARG B 155 -22.58 10.12 -2.72
CA ARG B 155 -23.40 8.95 -2.43
C ARG B 155 -23.31 8.62 -0.96
N THR B 156 -24.40 8.11 -0.40
CA THR B 156 -24.47 7.75 1.01
C THR B 156 -24.33 6.24 1.14
N ASP B 157 -23.37 5.81 1.96
CA ASP B 157 -23.11 4.40 2.23
C ASP B 157 -23.38 4.17 3.71
N TYR B 158 -24.65 3.93 4.05
CA TYR B 158 -25.02 3.68 5.44
C TYR B 158 -24.48 2.33 5.87
N ARG B 159 -23.74 2.31 6.99
CA ARG B 159 -23.08 1.09 7.43
C ARG B 159 -23.64 0.52 8.73
N GLY B 160 -24.48 1.25 9.45
CA GLY B 160 -25.09 0.69 10.64
C GLY B 160 -25.40 1.78 11.66
N GLU B 161 -25.93 1.32 12.80
CA GLU B 161 -26.38 2.21 13.85
C GLU B 161 -25.22 2.71 14.72
N ASP B 162 -24.18 1.90 14.91
CA ASP B 162 -23.06 2.29 15.73
C ASP B 162 -22.39 3.53 15.14
N PRO B 163 -22.36 4.66 15.85
CA PRO B 163 -21.82 5.89 15.26
C PRO B 163 -20.38 5.78 14.79
N GLY B 164 -19.58 4.92 15.41
CA GLY B 164 -18.20 4.75 15.03
C GLY B 164 -17.94 3.92 13.79
N LEU B 165 -18.99 3.41 13.15
CA LEU B 165 -18.78 2.53 11.99
C LEU B 165 -18.25 3.30 10.79
N ALA B 166 -18.74 4.52 10.57
CA ALA B 166 -18.28 5.32 9.45
C ALA B 166 -16.79 5.64 9.56
N ALA B 167 -16.35 6.04 10.76
CA ALA B 167 -14.93 6.30 10.98
C ALA B 167 -14.10 5.03 10.83
N LEU B 168 -14.65 3.88 11.24
CA LEU B 168 -13.90 2.63 11.12
C LEU B 168 -13.62 2.28 9.67
N TRP B 169 -14.61 2.44 8.79
CA TRP B 169 -14.42 2.13 7.38
C TRP B 169 -13.45 3.11 6.74
N TYR B 170 -13.51 4.39 7.14
CA TYR B 170 -12.54 5.37 6.65
C TYR B 170 -11.12 4.97 7.04
N GLN B 171 -10.93 4.58 8.30
CA GLN B 171 -9.59 4.19 8.74
C GLN B 171 -9.10 2.94 8.03
N ILE B 172 -10.00 1.99 7.73
CA ILE B 172 -9.58 0.74 7.12
C ILE B 172 -8.94 0.98 5.76
N GLY B 173 -9.51 1.88 4.96
CA GLY B 173 -8.91 2.20 3.68
C GLY B 173 -7.64 3.00 3.80
N MET B 174 -7.52 3.80 4.86
CA MET B 174 -6.40 4.73 4.96
C MET B 174 -5.11 4.03 5.41
N VAL B 175 -5.21 2.87 6.06
CA VAL B 175 -4.00 2.13 6.45
C VAL B 175 -3.16 1.84 5.22
N MET B 176 -3.79 1.30 4.17
CA MET B 176 -3.06 0.92 2.97
C MET B 176 -2.62 2.14 2.17
N TRP B 177 -3.46 3.17 2.13
CA TRP B 177 -3.12 4.38 1.37
C TRP B 177 -1.84 5.01 1.89
N TRP B 178 -1.72 5.16 3.22
CA TRP B 178 -0.54 5.81 3.78
C TRP B 178 0.68 4.89 3.70
N ASN B 179 0.48 3.59 3.91
CA ASN B 179 1.58 2.64 3.78
C ASN B 179 2.16 2.67 2.37
N ALA B 180 1.30 2.66 1.36
CA ALA B 180 1.77 2.69 -0.03
C ALA B 180 2.41 4.03 -0.38
N MET B 181 1.79 5.13 0.07
CA MET B 181 2.33 6.44 -0.25
C MET B 181 3.68 6.67 0.40
N LEU B 182 3.83 6.28 1.67
CA LEU B 182 5.12 6.39 2.33
C LEU B 182 6.16 5.49 1.67
N GLY B 183 5.75 4.29 1.26
CA GLY B 183 6.65 3.43 0.52
C GLY B 183 7.10 4.02 -0.80
N TYR B 184 6.24 4.84 -1.42
CA TYR B 184 6.64 5.56 -2.62
C TYR B 184 7.76 6.53 -2.33
N LEU B 185 7.65 7.26 -1.22
CA LEU B 185 8.72 8.17 -0.82
C LEU B 185 10.00 7.41 -0.53
N GLN B 186 9.90 6.23 0.08
CA GLN B 186 11.09 5.39 0.29
C GLN B 186 11.69 4.97 -1.05
N ALA B 187 10.84 4.62 -2.02
CA ALA B 187 11.35 4.22 -3.33
C ALA B 187 12.00 5.39 -4.06
N VAL B 188 11.42 6.58 -3.93
CA VAL B 188 11.99 7.76 -4.57
C VAL B 188 13.37 8.07 -3.99
N ALA B 189 13.49 8.00 -2.66
CA ALA B 189 14.77 8.26 -2.01
C ALA B 189 15.82 7.23 -2.43
N LEU B 190 15.44 5.95 -2.48
CA LEU B 190 16.36 4.93 -2.94
C LEU B 190 16.73 5.15 -4.39
N ALA B 191 15.75 5.55 -5.22
CA ALA B 191 16.03 5.81 -6.63
C ALA B 191 16.99 6.99 -6.80
N ASP B 192 16.78 8.06 -6.02
CA ASP B 192 17.62 9.23 -6.14
C ASP B 192 19.06 8.94 -5.73
N ALA B 193 19.24 8.12 -4.69
CA ALA B 193 20.58 7.72 -4.28
C ALA B 193 21.30 6.91 -5.36
N ASN B 194 20.60 6.51 -6.42
CA ASN B 194 21.20 5.70 -7.48
C ASN B 194 21.00 6.34 -8.86
N GLY B 195 20.76 7.65 -8.91
CA GLY B 195 20.71 8.36 -10.18
C GLY B 195 19.37 8.33 -10.89
N LEU B 196 18.30 7.90 -10.22
CA LEU B 196 16.97 7.87 -10.83
C LEU B 196 16.07 8.89 -10.14
N LYS B 197 15.20 9.50 -10.93
CA LYS B 197 14.22 10.46 -10.42
C LYS B 197 12.88 9.78 -10.22
N ALA B 198 11.97 10.50 -9.55
CA ALA B 198 10.63 9.98 -9.34
C ALA B 198 9.94 9.71 -10.66
N ALA B 199 10.23 10.53 -11.68
CA ALA B 199 9.64 10.31 -13.00
C ALA B 199 10.12 8.99 -13.62
N ASP B 200 11.34 8.56 -13.29
CA ASP B 200 11.88 7.34 -13.87
C ASP B 200 11.19 6.11 -13.29
N ILE B 201 10.92 6.10 -11.98
CA ILE B 201 10.30 4.96 -11.33
C ILE B 201 8.79 5.10 -11.23
N LEU B 202 8.22 6.18 -11.76
CA LEU B 202 6.77 6.34 -11.74
C LEU B 202 6.03 5.26 -12.52
N PRO B 203 6.46 4.85 -13.72
CA PRO B 203 5.73 3.76 -14.40
C PRO B 203 5.76 2.44 -13.63
N HIS B 204 6.91 2.06 -13.06
CA HIS B 204 6.97 0.83 -12.29
C HIS B 204 6.16 0.95 -10.99
N ALA B 205 6.23 2.11 -10.34
CA ALA B 205 5.43 2.31 -9.13
C ALA B 205 3.94 2.24 -9.44
N SER B 206 3.53 2.76 -10.60
CA SER B 206 2.13 2.69 -10.97
C SER B 206 1.69 1.27 -11.26
N ASP B 207 2.53 0.49 -11.96
CA ASP B 207 2.23 -0.92 -12.17
C ASP B 207 2.11 -1.67 -10.85
N THR B 208 2.96 -1.33 -9.89
CA THR B 208 2.99 -2.05 -8.62
C THR B 208 1.69 -1.86 -7.85
N VAL B 209 1.21 -0.62 -7.75
CA VAL B 209 0.00 -0.36 -6.98
C VAL B 209 -1.23 -0.83 -7.75
N ALA B 210 -1.22 -0.72 -9.08
CA ALA B 210 -2.37 -1.14 -9.87
C ALA B 210 -2.54 -2.66 -9.87
N GLY B 211 -1.47 -3.42 -9.62
CA GLY B 211 -1.58 -4.85 -9.50
C GLY B 211 -1.97 -5.35 -8.12
N LEU B 212 -2.09 -4.45 -7.15
CA LEU B 212 -2.45 -4.85 -5.80
C LEU B 212 -3.83 -5.51 -5.69
N PRO B 213 -4.89 -5.03 -6.34
CA PRO B 213 -6.21 -5.68 -6.16
C PRO B 213 -6.22 -7.16 -6.48
N PHE B 214 -5.37 -7.62 -7.41
CA PHE B 214 -5.27 -9.07 -7.63
C PHE B 214 -4.82 -9.78 -6.37
N PHE B 215 -3.83 -9.22 -5.68
CA PHE B 215 -3.33 -9.84 -4.46
C PHE B 215 -4.30 -9.67 -3.30
N LEU B 216 -5.08 -8.58 -3.30
CA LEU B 216 -6.13 -8.42 -2.29
C LEU B 216 -7.17 -9.53 -2.42
N ARG B 217 -7.61 -9.80 -3.65
CA ARG B 217 -8.56 -10.89 -3.86
C ARG B 217 -7.94 -12.24 -3.58
N PHE B 218 -6.67 -12.42 -3.98
CA PHE B 218 -6.04 -13.74 -3.85
C PHE B 218 -5.96 -14.17 -2.39
N TYR B 219 -5.58 -13.26 -1.50
CA TYR B 219 -5.42 -13.59 -0.09
C TYR B 219 -6.67 -13.33 0.73
N ALA B 220 -7.74 -12.81 0.13
CA ALA B 220 -8.97 -12.49 0.85
C ALA B 220 -9.57 -13.72 1.52
N ASP B 221 -10.06 -14.67 0.71
CA ASP B 221 -10.71 -15.84 1.28
C ASP B 221 -9.71 -16.79 1.93
N ARG B 222 -8.43 -16.71 1.58
CA ARG B 222 -7.42 -17.50 2.27
C ARG B 222 -7.29 -17.06 3.72
N ILE B 223 -7.21 -15.75 3.95
CA ILE B 223 -7.16 -15.22 5.31
C ILE B 223 -8.46 -15.52 6.05
N ASP B 224 -9.60 -15.40 5.35
CA ASP B 224 -10.89 -15.54 6.01
C ASP B 224 -11.14 -16.98 6.47
N THR B 225 -10.66 -17.96 5.72
CA THR B 225 -10.80 -19.36 6.10
C THR B 225 -9.63 -19.88 6.91
N GLY B 226 -8.64 -19.03 7.22
CA GLY B 226 -7.47 -19.47 7.94
C GLY B 226 -6.50 -20.32 7.14
N HIS B 227 -6.62 -20.34 5.82
CA HIS B 227 -5.74 -21.13 4.96
C HIS B 227 -4.50 -20.30 4.66
N HIS B 228 -3.41 -20.57 5.37
CA HIS B 228 -2.16 -19.86 5.21
C HIS B 228 -1.08 -20.75 4.61
N GLY B 229 -1.46 -21.59 3.66
CA GLY B 229 -0.49 -22.46 3.01
C GLY B 229 0.54 -21.70 2.19
N GLY B 230 1.67 -22.36 1.96
CA GLY B 230 2.76 -21.73 1.26
C GLY B 230 2.86 -22.14 -0.20
N ASP B 231 1.72 -22.17 -0.90
CA ASP B 231 1.72 -22.56 -2.31
C ASP B 231 2.12 -21.41 -3.22
N ALA B 232 1.82 -20.17 -2.84
CA ALA B 232 2.24 -19.01 -3.60
C ALA B 232 3.43 -18.29 -2.99
N ASP B 233 3.64 -18.42 -1.69
CA ASP B 233 4.74 -17.73 -1.03
C ASP B 233 4.97 -18.37 0.33
N ARG B 234 6.24 -18.44 0.74
CA ARG B 234 6.60 -18.80 2.09
C ARG B 234 7.03 -17.54 2.85
N LEU B 235 6.64 -17.47 4.13
CA LEU B 235 7.01 -16.31 4.94
C LEU B 235 8.52 -16.16 5.00
N ALA B 236 9.26 -17.27 5.13
CA ALA B 236 10.72 -17.19 5.20
C ALA B 236 11.30 -16.58 3.93
N MET B 237 10.67 -16.81 2.77
CA MET B 237 11.11 -16.15 1.55
C MET B 237 10.85 -14.65 1.61
N GLY B 238 9.70 -14.26 2.18
CA GLY B 238 9.42 -12.84 2.33
C GLY B 238 10.36 -12.16 3.30
N THR B 239 10.78 -12.88 4.35
CA THR B 239 11.75 -12.32 5.28
C THR B 239 13.04 -11.93 4.57
N ALA B 240 13.55 -12.83 3.72
CA ALA B 240 14.74 -12.51 2.93
C ALA B 240 14.48 -11.33 2.02
N SER B 241 13.29 -11.28 1.40
CA SER B 241 12.96 -10.20 0.48
C SER B 241 12.97 -8.85 1.19
N VAL B 242 12.34 -8.76 2.36
CA VAL B 242 12.32 -7.48 3.07
C VAL B 242 13.67 -7.19 3.69
N GLU B 243 14.46 -8.24 3.99
CA GLU B 243 15.84 -8.01 4.39
C GLU B 243 16.68 -7.46 3.25
N HIS B 244 16.38 -7.88 2.01
CA HIS B 244 17.09 -7.31 0.86
C HIS B 244 16.78 -5.84 0.69
N ILE B 245 15.51 -5.46 0.88
CA ILE B 245 15.14 -4.05 0.80
C ILE B 245 15.88 -3.26 1.87
N LEU B 246 15.89 -3.78 3.11
CA LEU B 246 16.50 -3.05 4.22
C LEU B 246 17.98 -2.80 3.97
N HIS B 247 18.72 -3.82 3.57
CA HIS B 247 20.14 -3.67 3.33
C HIS B 247 20.43 -2.93 2.02
N THR B 248 19.50 -2.95 1.06
CA THR B 248 19.65 -2.10 -0.11
C THR B 248 19.55 -0.62 0.28
N MET B 249 18.61 -0.31 1.19
CA MET B 249 18.54 1.04 1.74
C MET B 249 19.82 1.41 2.47
N ALA B 250 20.34 0.48 3.29
CA ALA B 250 21.55 0.75 4.04
C ALA B 250 22.75 0.90 3.11
N ASP B 251 22.89 0.00 2.14
CA ASP B 251 24.01 0.08 1.19
C ASP B 251 23.99 1.38 0.40
N SER B 252 22.80 1.88 0.10
CA SER B 252 22.64 3.13 -0.64
C SER B 252 22.63 4.35 0.26
N GLY B 253 22.84 4.18 1.56
CA GLY B 253 22.96 5.30 2.46
C GLY B 253 21.70 6.11 2.66
N VAL B 254 20.53 5.49 2.56
CA VAL B 254 19.26 6.15 2.81
C VAL B 254 18.63 5.56 4.07
N ASP B 255 17.54 6.17 4.50
CA ASP B 255 16.95 5.85 5.80
C ASP B 255 16.37 4.43 5.81
N THR B 256 16.46 3.79 6.97
CA THR B 256 16.02 2.40 7.14
C THR B 256 14.93 2.25 8.19
N ALA B 257 14.39 3.34 8.72
CA ALA B 257 13.47 3.25 9.86
C ALA B 257 12.29 2.34 9.58
N LEU B 258 11.59 2.57 8.48
CA LEU B 258 10.44 1.74 8.13
C LEU B 258 10.87 0.35 7.64
N PRO B 259 11.93 0.23 6.83
CA PRO B 259 12.41 -1.13 6.49
C PRO B 259 12.77 -1.98 7.71
N GLU B 260 13.34 -1.39 8.76
CA GLU B 260 13.57 -2.15 9.98
C GLU B 260 12.24 -2.58 10.62
N ALA B 261 11.24 -1.71 10.56
CA ALA B 261 9.94 -2.06 11.12
C ALA B 261 9.27 -3.17 10.33
N VAL B 262 9.47 -3.19 9.00
CA VAL B 262 8.92 -4.27 8.19
C VAL B 262 9.64 -5.57 8.46
N VAL B 263 10.96 -5.53 8.58
CA VAL B 263 11.73 -6.73 8.88
C VAL B 263 11.35 -7.29 10.24
N ALA B 264 11.12 -6.40 11.22
CA ALA B 264 10.79 -6.84 12.57
C ALA B 264 9.48 -7.62 12.60
N LEU B 265 8.49 -7.21 11.80
CA LEU B 265 7.23 -7.93 11.78
C LEU B 265 7.39 -9.32 11.16
N PHE B 266 8.15 -9.42 10.07
CA PHE B 266 8.39 -10.72 9.46
C PHE B 266 9.10 -11.66 10.44
N ARG B 267 10.05 -11.12 11.20
CA ARG B 267 10.77 -11.95 12.17
C ARG B 267 9.87 -12.37 13.32
N ARG B 268 8.87 -11.56 13.65
CA ARG B 268 7.85 -12.02 14.58
C ARG B 268 7.05 -13.18 14.01
N GLY B 269 6.83 -13.17 12.68
CA GLY B 269 6.17 -14.30 12.05
C GLY B 269 6.97 -15.58 12.17
N GLU B 270 8.27 -15.51 11.88
CA GLU B 270 9.13 -16.68 12.09
C GLU B 270 9.19 -17.06 13.56
N ALA B 271 9.26 -16.06 14.45
CA ALA B 271 9.38 -16.33 15.88
C ALA B 271 8.16 -17.04 16.43
N ALA B 272 6.99 -16.81 15.83
CA ALA B 272 5.74 -17.42 16.28
C ALA B 272 5.47 -18.76 15.63
N GLY B 273 6.39 -19.27 14.82
CA GLY B 273 6.23 -20.56 14.19
C GLY B 273 5.55 -20.55 12.84
N TYR B 274 5.64 -19.46 12.09
CA TYR B 274 4.93 -19.31 10.82
C TYR B 274 5.86 -19.28 9.61
N ALA B 275 7.12 -19.71 9.76
CA ALA B 275 8.10 -19.50 8.70
C ALA B 275 7.74 -20.23 7.42
N GLU B 276 7.08 -21.39 7.51
CA GLU B 276 6.70 -22.16 6.33
C GLU B 276 5.29 -21.84 5.85
N ASN B 277 4.58 -20.94 6.52
CA ASN B 277 3.28 -20.49 6.05
C ASN B 277 3.43 -19.30 5.12
N SER B 278 2.32 -18.93 4.49
CA SER B 278 2.28 -17.72 3.68
C SER B 278 2.53 -16.50 4.57
N PHE B 279 2.99 -15.42 3.94
CA PHE B 279 3.19 -14.18 4.69
C PHE B 279 1.87 -13.67 5.26
N SER B 280 0.75 -13.99 4.60
CA SER B 280 -0.56 -13.57 5.10
C SER B 280 -0.83 -14.07 6.52
N SER B 281 -0.14 -15.12 6.95
CA SER B 281 -0.33 -15.64 8.31
C SER B 281 0.06 -14.62 9.37
N MET B 282 0.80 -13.56 9.01
CA MET B 282 1.14 -12.53 9.98
C MET B 282 -0.09 -11.79 10.50
N VAL B 283 -1.22 -11.91 9.81
CA VAL B 283 -2.46 -11.31 10.31
C VAL B 283 -2.86 -11.92 11.64
N GLU B 284 -2.48 -13.19 11.87
CA GLU B 284 -2.76 -13.82 13.17
C GLU B 284 -1.98 -13.15 14.29
N LEU B 285 -0.82 -12.57 13.97
CA LEU B 285 -0.06 -11.82 14.96
C LEU B 285 -0.60 -10.42 15.18
N LEU B 286 -1.25 -9.85 14.16
CA LEU B 286 -1.78 -8.47 14.25
C LEU B 286 -3.18 -8.45 14.87
N LYS B 287 -3.84 -9.59 14.94
CA LYS B 287 -5.26 -9.66 15.40
C LYS B 287 -5.42 -9.43 16.89
N LYS B 288 -6.64 -9.07 17.29
CA LYS B 288 -6.98 -8.90 18.71
C LYS B 288 -7.10 -10.26 19.40
N PRO B 289 -6.67 -10.40 20.66
CA PRO B 289 -6.89 -11.63 21.43
C PRO B 289 -8.38 -12.02 21.52
#